data_4D5D
#
_entry.id   4D5D
#
_cell.length_a   140.160
_cell.length_b   77.991
_cell.length_c   109.927
_cell.angle_alpha   90.00
_cell.angle_beta   90.00
_cell.angle_gamma   90.00
#
_symmetry.space_group_name_H-M   'P 21 21 2'
#
loop_
_entity.id
_entity.type
_entity.pdbx_description
1 polymer CYMA
2 branched Cyclohexakis-(1-4)-(alpha-D-glucopyranose)
3 branched Cycloheptakis-(1-4)-(alpha-D-glucopyranose)
4 non-polymer (HYDROXYETHYLOXY)TRI(ETHYLOXY)OCTANE
5 water water
#
_entity_poly.entity_id   1
_entity_poly.type   'polypeptide(L)'
_entity_poly.pdbx_seq_one_letter_code
;ANVRLQHHHHHHHLEASDQRGYKPEDVAFDESFFSFGGHVGTSVEYEDKVTRGFNNTDKKEKTITNEVFNFFYNNPQWNF
MGFYSFKIENREQKEPGYYENEDGIKQLFSLNKGHDLGNGWATGLIYELEYTRSKVYSPDVSGLRKNLAEHSIRPYLTYW
NNDYNMGFYSNLEYLLSKEDRNAWGKRQEQGYSALFKPYKRFGNWEVGVEFYYQIKTNDEKQPDGTINEKSDFNERYIEP
IVQYSFDDAGTLYTRVRVGKNETKNTDRSGGGNAGINYFKDIRKATVGYEQSIGESWVAKAEYEYANEVEKKSRLSGWEA
RNKSELTQHTFYAQALYRF
;
_entity_poly.pdbx_strand_id   A,B
#
# COMPACT_ATOMS: atom_id res chain seq x y z
N PHE A 29 8.58 -18.35 -14.67
CA PHE A 29 9.12 -17.89 -13.39
C PHE A 29 9.10 -16.38 -13.34
N ASP A 30 9.85 -15.77 -14.25
CA ASP A 30 9.80 -14.33 -14.43
C ASP A 30 8.38 -13.95 -14.83
N GLU A 31 7.77 -14.79 -15.66
CA GLU A 31 6.40 -14.59 -16.09
C GLU A 31 5.41 -14.80 -14.94
N SER A 32 5.72 -15.73 -14.03
CA SER A 32 4.78 -16.03 -12.94
C SER A 32 4.66 -14.82 -12.02
N PHE A 33 5.74 -14.02 -11.91
CA PHE A 33 5.69 -12.80 -11.10
C PHE A 33 4.59 -11.83 -11.53
N PHE A 34 4.17 -11.92 -12.79
CA PHE A 34 3.21 -10.94 -13.31
C PHE A 34 1.79 -11.49 -13.34
N SER A 35 1.58 -12.72 -12.89
CA SER A 35 0.27 -13.32 -13.00
C SER A 35 -0.49 -13.20 -11.69
N PHE A 36 -0.76 -11.96 -11.29
CA PHE A 36 -1.48 -11.71 -10.06
C PHE A 36 -2.72 -10.86 -10.34
N GLY A 37 -3.72 -11.04 -9.50
CA GLY A 37 -4.86 -10.14 -9.47
C GLY A 37 -5.09 -9.79 -8.02
N GLY A 38 -6.24 -9.19 -7.72
CA GLY A 38 -6.59 -8.86 -6.35
C GLY A 38 -7.36 -7.55 -6.30
N HIS A 39 -7.14 -6.74 -5.26
CA HIS A 39 -7.83 -5.46 -5.17
C HIS A 39 -7.01 -4.45 -4.39
N VAL A 40 -7.28 -3.17 -4.63
CA VAL A 40 -6.79 -2.11 -3.76
C VAL A 40 -7.99 -1.30 -3.33
N GLY A 41 -8.01 -0.85 -2.09
CA GLY A 41 -9.17 -0.15 -1.62
C GLY A 41 -8.95 0.66 -0.37
N THR A 42 -10.05 1.15 0.16
CA THR A 42 -10.04 2.00 1.34
C THR A 42 -11.29 1.68 2.15
N SER A 43 -11.26 1.98 3.43
CA SER A 43 -12.45 1.76 4.25
C SER A 43 -12.47 2.73 5.41
N VAL A 44 -13.64 2.92 5.99
CA VAL A 44 -13.74 3.71 7.20
C VAL A 44 -14.61 2.97 8.19
N GLU A 45 -14.22 3.01 9.44
CA GLU A 45 -14.96 2.32 10.47
C GLU A 45 -15.22 3.28 11.61
N TYR A 46 -16.48 3.35 12.05
CA TYR A 46 -16.82 4.17 13.22
C TYR A 46 -17.45 3.28 14.28
N GLU A 47 -16.89 3.35 15.48
CA GLU A 47 -17.32 2.52 16.58
C GLU A 47 -17.77 3.41 17.75
N ASP A 48 -19.01 3.19 18.18
CA ASP A 48 -19.58 3.90 19.32
C ASP A 48 -19.81 2.91 20.46
N LYS A 49 -19.08 3.07 21.56
CA LYS A 49 -19.16 2.15 22.70
C LYS A 49 -19.57 2.85 23.97
N VAL A 50 -20.43 2.20 24.74
CA VAL A 50 -20.72 2.67 26.08
C VAL A 50 -20.59 1.47 27.00
N THR A 51 -19.74 1.61 28.01
CA THR A 51 -19.59 0.55 28.99
C THR A 51 -20.08 1.08 30.33
N ARG A 52 -21.15 0.51 30.84
CA ARG A 52 -21.58 0.86 32.18
C ARG A 52 -20.94 -0.16 33.10
N GLY A 53 -19.96 0.28 33.88
CA GLY A 53 -19.06 -0.63 34.57
C GLY A 53 -19.51 -1.07 35.95
N PHE A 54 -18.58 -1.64 36.70
CA PHE A 54 -18.89 -2.11 38.06
C PHE A 54 -19.18 -0.97 39.01
N ASN A 55 -18.79 0.24 38.63
CA ASN A 55 -19.13 1.39 39.45
C ASN A 55 -20.46 2.00 39.03
N ASN A 56 -21.14 1.36 38.08
CA ASN A 56 -22.46 1.79 37.61
C ASN A 56 -22.42 3.18 36.96
N THR A 57 -21.29 3.51 36.34
CA THR A 57 -21.20 4.74 35.55
C THR A 57 -20.77 4.42 34.12
N ASP A 58 -21.04 5.35 33.20
CA ASP A 58 -20.79 5.13 31.78
C ASP A 58 -19.41 5.59 31.32
N LYS A 59 -18.65 4.66 30.74
CA LYS A 59 -17.45 5.01 30.02
C LYS A 59 -17.80 5.04 28.54
N LYS A 60 -17.67 6.21 27.91
CA LYS A 60 -18.07 6.35 26.52
C LYS A 60 -16.84 6.46 25.64
N GLU A 61 -16.80 5.65 24.60
CA GLU A 61 -15.66 5.64 23.70
C GLU A 61 -16.12 5.75 22.27
N LYS A 62 -15.44 6.61 21.51
CA LYS A 62 -15.70 6.70 20.08
C LYS A 62 -14.39 6.52 19.35
N THR A 63 -14.38 5.59 18.40
CA THR A 63 -13.19 5.29 17.64
C THR A 63 -13.48 5.43 16.15
N ILE A 64 -12.59 6.12 15.45
CA ILE A 64 -12.67 6.16 13.99
C ILE A 64 -11.41 5.53 13.42
N THR A 65 -11.61 4.60 12.49
CA THR A 65 -10.50 3.92 11.86
C THR A 65 -10.53 4.23 10.38
N ASN A 66 -9.46 4.87 9.92
CA ASN A 66 -9.33 5.24 8.52
C ASN A 66 -8.32 4.32 7.86
N GLU A 67 -8.82 3.37 7.07
CA GLU A 67 -7.94 2.46 6.35
C GLU A 67 -7.59 3.14 5.03
N VAL A 68 -6.46 3.82 5.04
CA VAL A 68 -6.06 4.62 3.88
CA VAL A 68 -6.02 4.61 3.90
C VAL A 68 -5.68 3.72 2.70
N PHE A 69 -5.29 2.48 2.97
CA PHE A 69 -4.91 1.57 1.90
C PHE A 69 -5.08 0.13 2.31
N ASN A 70 -5.74 -0.65 1.49
CA ASN A 70 -5.65 -2.08 1.71
C ASN A 70 -5.49 -2.78 0.36
N PHE A 71 -4.63 -3.78 0.39
CA PHE A 71 -4.10 -4.36 -0.82
C PHE A 71 -4.21 -5.86 -0.68
N PHE A 72 -5.04 -6.45 -1.51
CA PHE A 72 -5.17 -7.90 -1.60
C PHE A 72 -4.48 -8.34 -2.88
N TYR A 73 -3.57 -9.29 -2.72
CA TYR A 73 -2.73 -9.77 -3.81
C TYR A 73 -3.00 -11.26 -3.97
N ASN A 74 -3.29 -11.70 -5.18
CA ASN A 74 -3.62 -13.09 -5.40
C ASN A 74 -2.89 -13.65 -6.62
N ASN A 75 -1.98 -14.59 -6.38
CA ASN A 75 -1.22 -15.19 -7.45
C ASN A 75 -1.57 -16.68 -7.54
N PRO A 76 -2.51 -17.03 -8.43
CA PRO A 76 -2.97 -18.41 -8.59
C PRO A 76 -1.86 -19.31 -9.11
N GLN A 77 -0.86 -18.71 -9.76
CA GLN A 77 0.26 -19.46 -10.30
C GLN A 77 1.15 -19.95 -9.16
N TRP A 78 1.28 -19.13 -8.13
CA TRP A 78 2.01 -19.52 -6.93
C TRP A 78 1.08 -20.19 -5.92
N ASN A 79 -0.22 -20.08 -6.14
CA ASN A 79 -1.24 -20.32 -5.11
C ASN A 79 -0.84 -19.62 -3.81
N PHE A 80 -0.61 -18.32 -3.95
CA PHE A 80 -0.18 -17.48 -2.86
C PHE A 80 -1.09 -16.27 -2.79
N MET A 81 -1.57 -15.95 -1.58
CA MET A 81 -2.33 -14.73 -1.35
C MET A 81 -1.59 -13.86 -0.33
N GLY A 82 -1.59 -12.56 -0.55
CA GLY A 82 -0.99 -11.66 0.42
C GLY A 82 -1.95 -10.53 0.70
N PHE A 83 -1.83 -9.93 1.87
CA PHE A 83 -2.68 -8.81 2.22
C PHE A 83 -1.87 -7.78 2.98
N TYR A 84 -2.09 -6.51 2.66
CA TYR A 84 -1.44 -5.42 3.38
C TYR A 84 -2.45 -4.32 3.64
N SER A 85 -2.40 -3.75 4.84
CA SER A 85 -3.30 -2.69 5.23
C SER A 85 -2.55 -1.61 6.04
N PHE A 86 -2.84 -0.35 5.74
CA PHE A 86 -2.38 0.77 6.55
C PHE A 86 -3.58 1.51 7.12
N LYS A 87 -3.66 1.59 8.44
CA LYS A 87 -4.76 2.27 9.13
C LYS A 87 -4.28 3.38 10.07
N ILE A 88 -5.07 4.44 10.13
CA ILE A 88 -4.89 5.50 11.12
C ILE A 88 -6.06 5.39 12.06
N GLU A 89 -5.77 5.28 13.36
CA GLU A 89 -6.82 5.13 14.39
C GLU A 89 -6.85 6.29 15.40
N ASN A 90 -8.05 6.79 15.70
CA ASN A 90 -8.24 7.81 16.73
C ASN A 90 -9.38 7.42 17.66
N ARG A 91 -9.10 7.40 18.95
CA ARG A 91 -10.09 7.00 19.93
C ARG A 91 -10.26 8.11 20.95
N GLU A 92 -11.51 8.39 21.33
CA GLU A 92 -11.76 9.32 22.41
C GLU A 92 -12.56 8.64 23.50
N GLN A 93 -12.06 8.73 24.72
CA GLN A 93 -12.73 8.12 25.87
C GLN A 93 -13.18 9.19 26.85
N LYS A 94 -14.42 9.08 27.31
CA LYS A 94 -14.98 10.04 28.29
C LYS A 94 -15.76 9.33 29.39
N GLU A 95 -15.54 9.75 30.63
CA GLU A 95 -16.27 9.18 31.76
C GLU A 95 -16.24 10.20 32.90
N PRO A 96 -17.05 9.99 33.95
CA PRO A 96 -16.98 10.96 35.06
C PRO A 96 -15.57 11.21 35.57
N GLY A 97 -15.12 12.45 35.49
CA GLY A 97 -13.86 12.86 36.06
C GLY A 97 -12.60 12.41 35.33
N TYR A 98 -12.74 11.92 34.11
CA TYR A 98 -11.58 11.45 33.36
C TYR A 98 -11.83 11.46 31.87
N TYR A 99 -10.76 11.69 31.10
CA TYR A 99 -10.81 11.52 29.66
C TYR A 99 -9.51 10.90 29.18
N GLU A 100 -9.54 10.38 27.96
CA GLU A 100 -8.37 9.79 27.37
C GLU A 100 -8.52 9.83 25.86
N ASN A 101 -7.50 10.34 25.16
CA ASN A 101 -7.46 10.30 23.71
C ASN A 101 -6.24 9.50 23.26
N GLU A 102 -6.42 8.68 22.23
CA GLU A 102 -5.34 7.84 21.73
C GLU A 102 -5.33 7.90 20.21
N ASP A 103 -4.14 8.17 19.65
CA ASP A 103 -3.97 8.27 18.21
C ASP A 103 -2.94 7.25 17.77
N GLY A 104 -3.25 6.49 16.73
CA GLY A 104 -2.38 5.39 16.36
C GLY A 104 -2.28 5.12 14.88
N ILE A 105 -1.25 4.38 14.53
CA ILE A 105 -1.08 3.86 13.18
C ILE A 105 -0.95 2.34 13.28
N LYS A 106 -1.71 1.63 12.46
CA LYS A 106 -1.70 0.18 12.48
C LYS A 106 -1.37 -0.38 11.09
N GLN A 107 -0.35 -1.24 11.03
CA GLN A 107 -0.08 -1.93 9.77
C GLN A 107 -0.27 -3.42 9.89
N LEU A 108 -0.85 -4.04 8.86
CA LEU A 108 -1.06 -5.47 8.84
C LEU A 108 -0.35 -6.06 7.65
N PHE A 109 0.39 -7.15 7.90
CA PHE A 109 1.06 -7.93 6.85
C PHE A 109 0.55 -9.36 6.94
N SER A 110 0.04 -9.88 5.85
CA SER A 110 -0.51 -11.22 5.86
C SER A 110 -0.06 -12.03 4.65
N LEU A 111 0.45 -13.25 4.90
CA LEU A 111 0.92 -14.13 3.83
C LEU A 111 0.19 -15.45 3.94
N ASN A 112 -0.32 -15.94 2.82
CA ASN A 112 -1.09 -17.19 2.80
C ASN A 112 -0.55 -18.06 1.66
N LYS A 113 0.14 -19.13 2.00
CA LYS A 113 0.60 -20.08 1.01
C LYS A 113 -0.36 -21.25 1.01
N GLY A 114 -1.09 -21.39 -0.08
CA GLY A 114 -2.12 -22.41 -0.18
C GLY A 114 -1.67 -23.60 -0.99
N HIS A 115 -2.44 -24.67 -0.87
CA HIS A 115 -2.12 -25.87 -1.57
C HIS A 115 -3.34 -26.69 -2.00
N ASP A 116 -3.56 -26.82 -3.29
CA ASP A 116 -4.70 -27.59 -3.77
C ASP A 116 -4.42 -29.09 -3.67
N LEU A 117 -5.25 -29.80 -2.91
CA LEU A 117 -5.04 -31.23 -2.70
C LEU A 117 -5.90 -32.10 -3.62
N GLY A 118 -6.75 -31.46 -4.42
CA GLY A 118 -7.63 -32.19 -5.31
C GLY A 118 -8.87 -32.74 -4.64
N ASN A 119 -9.86 -33.10 -5.44
CA ASN A 119 -11.11 -33.66 -4.95
C ASN A 119 -11.88 -32.74 -3.99
N GLY A 120 -11.67 -31.44 -4.13
CA GLY A 120 -12.36 -30.47 -3.30
C GLY A 120 -11.61 -30.07 -2.04
N TRP A 121 -10.53 -30.79 -1.71
CA TRP A 121 -9.72 -30.48 -0.53
C TRP A 121 -8.57 -29.50 -0.82
N ALA A 122 -8.27 -28.65 0.16
CA ALA A 122 -7.14 -27.75 0.06
C ALA A 122 -6.62 -27.46 1.47
N THR A 123 -5.36 -27.06 1.54
CA THR A 123 -4.76 -26.77 2.83
C THR A 123 -3.80 -25.62 2.65
N GLY A 124 -3.22 -25.14 3.73
CA GLY A 124 -2.29 -24.04 3.60
C GLY A 124 -1.86 -23.51 4.95
N LEU A 125 -1.08 -22.44 4.91
CA LEU A 125 -0.59 -21.81 6.13
C LEU A 125 -0.66 -20.33 5.97
N ILE A 126 -1.25 -19.68 6.97
CA ILE A 126 -1.27 -18.23 7.05
C ILE A 126 -0.30 -17.75 8.11
N TYR A 127 0.48 -16.73 7.77
CA TYR A 127 1.37 -16.06 8.70
C TYR A 127 1.02 -14.57 8.66
N GLU A 128 0.58 -14.06 9.81
CA GLU A 128 0.04 -12.72 9.88
C GLU A 128 0.73 -11.89 10.96
N LEU A 129 1.17 -10.68 10.61
CA LEU A 129 1.80 -9.76 11.56
C LEU A 129 1.05 -8.44 11.57
N GLU A 130 0.66 -7.99 12.76
CA GLU A 130 0.00 -6.71 12.89
C GLU A 130 0.73 -5.86 13.92
N TYR A 131 1.17 -4.68 13.50
CA TYR A 131 1.89 -3.73 14.36
C TYR A 131 1.13 -2.43 14.54
N THR A 132 1.03 -2.00 15.78
CA THR A 132 0.37 -0.74 16.09
C THR A 132 1.28 0.14 16.95
N ARG A 133 1.38 1.40 16.56
CA ARG A 133 2.10 2.39 17.35
C ARG A 133 1.14 3.49 17.72
N SER A 134 1.00 3.81 19.00
CA SER A 134 0.06 4.87 19.35
C SER A 134 0.58 5.76 20.47
N LYS A 135 -0.11 6.89 20.68
CA LYS A 135 0.21 7.83 21.76
C LYS A 135 -1.07 8.12 22.52
N VAL A 136 -0.96 8.23 23.84
CA VAL A 136 -2.11 8.42 24.70
C VAL A 136 -2.02 9.77 25.42
N TYR A 137 -3.15 10.47 25.50
CA TYR A 137 -3.24 11.76 26.17
C TYR A 137 -4.36 11.75 27.18
N SER A 138 -4.09 12.23 28.39
CA SER A 138 -5.06 12.20 29.47
C SER A 138 -4.72 13.34 30.44
N PRO A 139 -5.49 13.53 31.53
CA PRO A 139 -5.04 14.55 32.49
C PRO A 139 -3.72 14.17 33.17
N ASP A 140 -3.31 12.92 33.07
CA ASP A 140 -2.16 12.41 33.81
C ASP A 140 -0.95 12.11 32.93
N VAL A 141 -1.17 11.85 31.64
CA VAL A 141 -0.06 11.63 30.73
C VAL A 141 -0.21 12.45 29.45
N SER A 142 0.92 12.74 28.82
CA SER A 142 0.93 13.49 27.59
C SER A 142 1.83 12.80 26.58
N GLY A 143 1.24 12.01 25.70
CA GLY A 143 2.00 11.33 24.67
C GLY A 143 2.68 10.06 25.13
N LEU A 144 2.08 9.37 26.10
CA LEU A 144 2.59 8.07 26.49
C LEU A 144 2.53 7.13 25.30
N ARG A 145 3.65 6.47 25.02
CA ARG A 145 3.75 5.67 23.81
C ARG A 145 3.40 4.20 24.05
N LYS A 146 2.64 3.61 23.13
CA LYS A 146 2.33 2.19 23.18
C LYS A 146 2.73 1.53 21.86
N ASN A 147 3.49 0.44 21.96
CA ASN A 147 3.86 -0.37 20.80
C ASN A 147 3.26 -1.76 20.94
N LEU A 148 2.51 -2.19 19.93
CA LEU A 148 1.87 -3.49 19.95
C LEU A 148 2.29 -4.31 18.75
N ALA A 149 2.74 -5.55 18.99
CA ALA A 149 3.02 -6.49 17.92
C ALA A 149 2.20 -7.74 18.12
N GLU A 150 1.44 -8.15 17.11
CA GLU A 150 0.68 -9.39 17.22
C GLU A 150 1.00 -10.31 16.07
N HIS A 151 1.28 -11.56 16.40
CA HIS A 151 1.63 -12.58 15.39
C HIS A 151 0.59 -13.67 15.41
N SER A 152 0.12 -14.08 14.23
CA SER A 152 -0.85 -15.15 14.12
C SER A 152 -0.35 -16.15 13.09
N ILE A 153 -0.26 -17.41 13.48
CA ILE A 153 0.10 -18.49 12.58
C ILE A 153 -1.08 -19.46 12.49
N ARG A 154 -1.61 -19.64 11.28
CA ARG A 154 -2.83 -20.41 11.11
C ARG A 154 -2.72 -21.45 10.00
N PRO A 155 -2.47 -22.71 10.37
CA PRO A 155 -2.64 -23.80 9.40
C PRO A 155 -4.13 -23.96 9.15
N TYR A 156 -4.54 -24.20 7.90
CA TYR A 156 -5.96 -24.32 7.63
C TYR A 156 -6.23 -25.49 6.68
N LEU A 157 -7.49 -25.89 6.68
CA LEU A 157 -7.96 -27.02 5.88
C LEU A 157 -9.35 -26.66 5.36
N THR A 158 -9.51 -26.71 4.04
CA THR A 158 -10.81 -26.41 3.43
C THR A 158 -11.32 -27.58 2.62
N TYR A 159 -12.64 -27.65 2.50
CA TYR A 159 -13.28 -28.66 1.67
C TYR A 159 -14.46 -28.06 0.94
N TRP A 160 -14.62 -28.40 -0.33
CA TRP A 160 -15.80 -27.99 -1.07
C TRP A 160 -16.30 -29.16 -1.89
N ASN A 161 -17.57 -29.50 -1.70
CA ASN A 161 -18.16 -30.61 -2.44
C ASN A 161 -19.14 -30.06 -3.46
N ASN A 162 -18.78 -30.16 -4.73
CA ASN A 162 -19.58 -29.56 -5.79
C ASN A 162 -20.92 -30.25 -6.04
N ASP A 163 -21.00 -31.53 -5.70
CA ASP A 163 -22.22 -32.31 -5.89
C ASP A 163 -23.29 -31.91 -4.89
N TYR A 164 -22.85 -31.66 -3.67
CA TYR A 164 -23.73 -31.23 -2.57
C TYR A 164 -23.84 -29.70 -2.42
N ASN A 165 -22.96 -28.97 -3.09
CA ASN A 165 -22.82 -27.51 -2.89
C ASN A 165 -22.71 -27.18 -1.40
N MET A 166 -21.88 -27.96 -0.73
CA MET A 166 -21.58 -27.76 0.68
C MET A 166 -20.08 -27.87 0.88
N GLY A 167 -19.58 -27.23 1.92
CA GLY A 167 -18.19 -27.36 2.27
C GLY A 167 -17.94 -26.83 3.66
N PHE A 168 -16.66 -26.66 3.99
CA PHE A 168 -16.31 -26.00 5.24
C PHE A 168 -14.97 -25.32 5.12
N TYR A 169 -14.78 -24.32 5.97
CA TYR A 169 -13.48 -23.72 6.21
C TYR A 169 -13.09 -24.13 7.62
N SER A 170 -11.83 -24.48 7.84
CA SER A 170 -11.40 -24.77 9.20
C SER A 170 -9.95 -24.34 9.40
N ASN A 171 -9.58 -23.97 10.63
CA ASN A 171 -8.20 -23.63 10.90
C ASN A 171 -7.88 -23.76 12.38
N LEU A 172 -6.59 -23.85 12.65
CA LEU A 172 -6.06 -23.73 13.99
C LEU A 172 -5.28 -22.42 14.01
N GLU A 173 -4.89 -21.97 15.18
CA GLU A 173 -4.15 -20.73 15.28
C GLU A 173 -3.27 -20.72 16.50
N TYR A 174 -2.04 -20.25 16.33
CA TYR A 174 -1.21 -19.81 17.44
C TYR A 174 -1.15 -18.30 17.39
N LEU A 175 -1.44 -17.64 18.51
CA LEU A 175 -1.50 -16.18 18.52
C LEU A 175 -0.65 -15.63 19.64
N LEU A 176 0.26 -14.72 19.31
CA LEU A 176 1.12 -14.11 20.32
C LEU A 176 0.97 -12.61 20.22
N SER A 177 0.71 -11.97 21.36
CA SER A 177 0.52 -10.53 21.38
C SER A 177 1.47 -9.90 22.39
N LYS A 178 2.29 -8.95 21.96
CA LYS A 178 3.21 -8.31 22.89
C LYS A 178 3.08 -6.80 22.81
N GLU A 179 2.79 -6.18 23.94
CA GLU A 179 2.56 -4.75 24.02
C GLU A 179 3.45 -4.09 25.05
N ASP A 180 4.11 -3.02 24.65
CA ASP A 180 4.97 -2.27 25.55
C ASP A 180 4.30 -0.91 25.72
N ARG A 181 3.90 -0.61 26.96
CA ARG A 181 3.20 0.63 27.26
C ARG A 181 4.07 1.55 28.11
N ASN A 182 5.38 1.37 27.99
CA ASN A 182 6.37 2.18 28.68
C ASN A 182 6.05 2.36 30.16
N ALA A 183 5.73 3.57 30.62
CA ALA A 183 5.46 3.79 32.04
C ALA A 183 4.34 2.91 32.59
N TRP A 184 3.42 2.47 31.74
CA TRP A 184 2.32 1.62 32.20
C TRP A 184 2.63 0.13 32.09
N GLY A 185 3.87 -0.20 31.78
CA GLY A 185 4.31 -1.58 31.80
C GLY A 185 4.17 -2.34 30.50
N LYS A 186 4.24 -3.67 30.60
CA LYS A 186 4.18 -4.54 29.44
C LYS A 186 3.10 -5.59 29.61
N ARG A 187 2.56 -6.05 28.49
CA ARG A 187 1.53 -7.09 28.52
C ARG A 187 1.80 -8.07 27.41
N GLN A 188 1.71 -9.36 27.75
CA GLN A 188 1.83 -10.40 26.75
C GLN A 188 0.64 -11.34 26.84
N GLU A 189 0.08 -11.69 25.70
CA GLU A 189 -0.95 -12.71 25.64
C GLU A 189 -0.52 -13.77 24.65
N GLN A 190 -0.75 -15.02 24.99
CA GLN A 190 -0.29 -16.09 24.14
C GLN A 190 -1.27 -17.22 24.20
N GLY A 191 -1.63 -17.77 23.05
CA GLY A 191 -2.56 -18.89 23.08
C GLY A 191 -2.92 -19.42 21.71
N TYR A 192 -4.03 -20.14 21.68
CA TYR A 192 -4.45 -20.92 20.51
C TYR A 192 -5.93 -20.73 20.27
N SER A 193 -6.34 -20.93 19.03
CA SER A 193 -7.75 -21.00 18.74
C SER A 193 -8.00 -22.03 17.65
N ALA A 194 -9.28 -22.39 17.52
CA ALA A 194 -9.71 -23.32 16.51
C ALA A 194 -11.03 -22.79 15.95
N LEU A 195 -11.19 -22.91 14.64
CA LEU A 195 -12.41 -22.44 13.99
C LEU A 195 -12.89 -23.49 13.00
N PHE A 196 -14.19 -23.70 12.99
CA PHE A 196 -14.83 -24.63 12.05
C PHE A 196 -16.07 -23.98 11.51
N LYS A 197 -16.14 -23.84 10.18
CA LYS A 197 -17.29 -23.18 9.58
C LYS A 197 -17.84 -23.96 8.39
N PRO A 198 -18.82 -24.84 8.64
CA PRO A 198 -19.51 -25.49 7.52
C PRO A 198 -20.47 -24.51 6.87
N TYR A 199 -20.69 -24.65 5.57
CA TYR A 199 -21.62 -23.77 4.88
C TYR A 199 -22.23 -24.50 3.70
N LYS A 200 -23.35 -23.98 3.22
CA LYS A 200 -24.08 -24.63 2.16
C LYS A 200 -24.68 -23.58 1.23
N ARG A 201 -24.63 -23.84 -0.06
CA ARG A 201 -25.20 -22.94 -1.06
C ARG A 201 -26.37 -23.61 -1.75
N PHE A 202 -27.43 -22.86 -1.98
CA PHE A 202 -28.61 -23.36 -2.67
C PHE A 202 -29.36 -22.19 -3.30
N GLY A 203 -29.56 -22.25 -4.61
CA GLY A 203 -30.09 -21.13 -5.36
C GLY A 203 -29.23 -19.91 -5.13
N ASN A 204 -29.86 -18.80 -4.74
CA ASN A 204 -29.13 -17.56 -4.48
C ASN A 204 -28.73 -17.40 -3.02
N TRP A 205 -29.00 -18.44 -2.22
CA TRP A 205 -28.74 -18.42 -0.79
C TRP A 205 -27.43 -19.06 -0.43
N GLU A 206 -26.85 -18.57 0.66
CA GLU A 206 -25.80 -19.31 1.32
C GLU A 206 -26.01 -19.21 2.82
N VAL A 207 -25.95 -20.35 3.49
CA VAL A 207 -26.06 -20.39 4.94
CA VAL A 207 -26.04 -20.38 4.95
C VAL A 207 -24.83 -21.08 5.53
N GLY A 208 -24.34 -20.56 6.65
CA GLY A 208 -23.18 -21.14 7.31
C GLY A 208 -23.29 -20.98 8.81
N VAL A 209 -22.44 -21.70 9.55
CA VAL A 209 -22.34 -21.50 10.99
C VAL A 209 -20.89 -21.60 11.36
N GLU A 210 -20.40 -20.55 12.00
CA GLU A 210 -19.02 -20.54 12.48
C GLU A 210 -18.95 -20.95 13.95
N PHE A 211 -18.13 -21.97 14.23
CA PHE A 211 -17.89 -22.45 15.59
C PHE A 211 -16.47 -22.04 15.96
N TYR A 212 -16.29 -21.48 17.14
CA TYR A 212 -14.98 -20.92 17.51
C TYR A 212 -14.65 -21.22 18.97
N TYR A 213 -13.39 -21.57 19.20
CA TYR A 213 -12.89 -21.80 20.56
C TYR A 213 -11.49 -21.20 20.69
N GLN A 214 -11.26 -20.46 21.76
CA GLN A 214 -9.94 -19.87 21.98
C GLN A 214 -9.50 -20.05 23.42
N ILE A 215 -8.20 -20.31 23.62
CA ILE A 215 -7.61 -20.26 24.96
C ILE A 215 -6.38 -19.34 24.95
N LYS A 216 -6.12 -18.65 26.06
CA LYS A 216 -4.90 -17.87 26.12
C LYS A 216 -4.49 -17.59 27.55
N THR A 217 -3.23 -17.24 27.72
CA THR A 217 -2.73 -16.81 29.01
C THR A 217 -2.39 -15.33 28.92
N ASN A 218 -2.74 -14.58 29.94
CA ASN A 218 -2.44 -13.15 30.02
C ASN A 218 -1.37 -12.88 31.05
N ASP A 219 -0.38 -12.07 30.70
CA ASP A 219 0.66 -11.68 31.64
C ASP A 219 0.94 -10.19 31.51
N GLU A 220 0.63 -9.44 32.58
CA GLU A 220 0.84 -8.01 32.55
C GLU A 220 1.63 -7.57 33.79
N LYS A 221 2.72 -6.82 33.56
CA LYS A 221 3.59 -6.36 34.65
C LYS A 221 3.89 -4.88 34.53
N GLN A 222 4.10 -4.25 35.69
CA GLN A 222 4.58 -2.88 35.74
C GLN A 222 6.07 -2.85 35.37
N PRO A 223 6.62 -1.66 35.10
CA PRO A 223 8.05 -1.60 34.75
C PRO A 223 9.00 -2.19 35.81
N ASP A 224 8.68 -2.08 37.10
CA ASP A 224 9.56 -2.67 38.11
C ASP A 224 9.31 -4.17 38.31
N GLY A 225 8.40 -4.75 37.53
CA GLY A 225 8.17 -6.18 37.58
C GLY A 225 6.95 -6.62 38.39
N THR A 226 6.33 -5.68 39.11
CA THR A 226 5.10 -5.96 39.86
C THR A 226 4.03 -6.53 38.95
N ILE A 227 3.37 -7.60 39.37
CA ILE A 227 2.36 -8.23 38.51
C ILE A 227 1.01 -7.53 38.62
N ASN A 228 0.50 -7.08 37.47
CA ASN A 228 -0.85 -6.57 37.41
C ASN A 228 -1.83 -7.70 37.19
N GLU A 229 -1.49 -8.58 36.25
CA GLU A 229 -2.37 -9.68 35.90
C GLU A 229 -1.57 -10.92 35.50
N LYS A 230 -2.03 -12.06 36.01
CA LYS A 230 -1.61 -13.36 35.51
C LYS A 230 -2.88 -14.16 35.47
N SER A 231 -3.37 -14.48 34.27
CA SER A 231 -4.68 -15.12 34.18
C SER A 231 -4.79 -16.07 33.00
N ASP A 232 -5.74 -16.98 33.09
CA ASP A 232 -6.08 -17.88 31.99
C ASP A 232 -7.45 -17.53 31.44
N PHE A 233 -7.56 -17.58 30.11
CA PHE A 233 -8.73 -17.11 29.42
C PHE A 233 -9.22 -18.18 28.45
N ASN A 234 -10.54 -18.28 28.29
CA ASN A 234 -11.05 -19.08 27.18
C ASN A 234 -12.35 -18.45 26.66
N GLU A 235 -12.62 -18.63 25.38
CA GLU A 235 -13.80 -18.07 24.75
C GLU A 235 -14.35 -19.10 23.80
N ARG A 236 -15.67 -19.18 23.69
CA ARG A 236 -16.31 -19.96 22.65
C ARG A 236 -17.47 -19.14 22.06
N TYR A 237 -17.75 -19.31 20.77
CA TYR A 237 -18.98 -18.74 20.23
C TYR A 237 -19.47 -19.60 19.09
N ILE A 238 -20.74 -19.40 18.76
CA ILE A 238 -21.32 -19.98 17.56
C ILE A 238 -21.97 -18.81 16.82
N GLU A 239 -21.76 -18.76 15.52
CA GLU A 239 -22.25 -17.63 14.74
C GLU A 239 -22.81 -18.05 13.37
N PRO A 240 -24.14 -18.25 13.31
CA PRO A 240 -24.83 -18.49 12.03
C PRO A 240 -24.77 -17.27 11.14
N ILE A 241 -24.73 -17.52 9.83
CA ILE A 241 -24.70 -16.45 8.84
C ILE A 241 -25.63 -16.86 7.73
N VAL A 242 -26.43 -15.91 7.27
CA VAL A 242 -27.30 -16.13 6.13
C VAL A 242 -27.02 -15.05 5.09
N GLN A 243 -26.92 -15.44 3.82
CA GLN A 243 -26.81 -14.41 2.80
C GLN A 243 -27.63 -14.74 1.58
N TYR A 244 -28.01 -13.68 0.88
CA TYR A 244 -28.80 -13.81 -0.33
C TYR A 244 -28.21 -12.90 -1.41
N SER A 245 -27.99 -13.46 -2.60
CA SER A 245 -27.48 -12.70 -3.73
C SER A 245 -28.58 -12.40 -4.72
N PHE A 246 -28.85 -11.11 -4.91
CA PHE A 246 -29.87 -10.67 -5.85
C PHE A 246 -29.34 -10.76 -7.26
N ASP A 247 -30.13 -11.37 -8.16
CA ASP A 247 -29.76 -11.51 -9.57
C ASP A 247 -29.29 -10.20 -10.17
N ASP A 248 -30.04 -9.14 -9.94
CA ASP A 248 -29.70 -7.90 -10.63
C ASP A 248 -28.97 -6.91 -9.73
N ALA A 249 -28.31 -7.43 -8.70
CA ALA A 249 -27.67 -6.55 -7.73
C ALA A 249 -26.63 -7.27 -6.85
N GLY A 250 -26.55 -6.86 -5.59
CA GLY A 250 -25.50 -7.37 -4.73
C GLY A 250 -25.91 -8.50 -3.80
N THR A 251 -25.18 -8.60 -2.70
CA THR A 251 -25.39 -9.64 -1.71
C THR A 251 -25.72 -9.03 -0.37
N LEU A 252 -26.86 -9.43 0.18
CA LEU A 252 -27.30 -8.99 1.51
C LEU A 252 -27.00 -10.09 2.50
N TYR A 253 -26.49 -9.74 3.67
CA TYR A 253 -26.16 -10.78 4.65
C TYR A 253 -26.38 -10.36 6.10
N THR A 254 -26.58 -11.35 6.95
CA THR A 254 -26.68 -11.11 8.38
C THR A 254 -25.95 -12.22 9.13
N ARG A 255 -25.31 -11.84 10.23
CA ARG A 255 -24.64 -12.81 11.11
C ARG A 255 -25.07 -12.52 12.53
N VAL A 256 -25.32 -13.57 13.30
CA VAL A 256 -25.68 -13.42 14.70
CA VAL A 256 -25.64 -13.39 14.70
C VAL A 256 -24.76 -14.30 15.54
N ARG A 257 -24.10 -13.71 16.53
CA ARG A 257 -23.16 -14.43 17.38
C ARG A 257 -23.71 -14.57 18.80
N VAL A 258 -23.63 -15.78 19.34
CA VAL A 258 -23.84 -15.98 20.78
C VAL A 258 -22.58 -16.64 21.32
N GLY A 259 -21.99 -16.06 22.35
CA GLY A 259 -20.80 -16.64 22.91
C GLY A 259 -20.61 -16.35 24.39
N LYS A 260 -19.53 -16.89 24.92
CA LYS A 260 -19.16 -16.69 26.32
C LYS A 260 -17.66 -16.70 26.44
N ASN A 261 -17.12 -15.93 27.37
CA ASN A 261 -15.74 -16.15 27.73
C ASN A 261 -15.54 -16.01 29.24
N GLU A 262 -14.37 -16.44 29.69
CA GLU A 262 -14.02 -16.43 31.10
C GLU A 262 -12.57 -16.04 31.24
N THR A 263 -12.27 -15.29 32.29
CA THR A 263 -10.90 -14.92 32.61
C THR A 263 -10.67 -15.29 34.05
N LYS A 264 -9.78 -16.24 34.29
CA LYS A 264 -9.55 -16.74 35.64
C LYS A 264 -8.18 -16.31 36.12
N ASN A 265 -8.15 -15.42 37.10
CA ASN A 265 -6.90 -14.93 37.66
C ASN A 265 -6.24 -15.92 38.61
N THR A 266 -4.93 -16.06 38.51
CA THR A 266 -4.18 -16.81 39.49
C THR A 266 -4.09 -15.97 40.78
N ASP A 267 -3.46 -16.52 41.81
CA ASP A 267 -3.28 -15.80 43.07
CA ASP A 267 -3.29 -15.79 43.07
C ASP A 267 -2.22 -14.71 42.96
N ARG A 268 -1.61 -14.57 41.80
CA ARG A 268 -0.55 -13.58 41.64
C ARG A 268 -1.02 -12.25 41.05
N SER A 269 -2.25 -12.21 40.54
CA SER A 269 -2.76 -10.97 39.95
C SER A 269 -2.85 -9.86 40.99
N GLY A 270 -2.70 -8.62 40.54
CA GLY A 270 -2.74 -7.47 41.42
C GLY A 270 -4.10 -6.81 41.41
N GLY A 271 -4.21 -5.66 42.07
CA GLY A 271 -5.41 -4.85 41.99
C GLY A 271 -6.66 -5.45 42.61
N GLY A 272 -6.47 -6.41 43.51
CA GLY A 272 -7.59 -7.09 44.11
C GLY A 272 -8.15 -8.17 43.21
N ASN A 273 -7.46 -8.46 42.11
CA ASN A 273 -7.93 -9.51 41.21
C ASN A 273 -7.37 -10.89 41.50
N ALA A 274 -6.53 -11.02 42.54
CA ALA A 274 -6.00 -12.33 42.92
C ALA A 274 -7.12 -13.34 43.11
N GLY A 275 -7.09 -14.42 42.34
CA GLY A 275 -8.07 -15.49 42.46
C GLY A 275 -9.48 -15.15 41.99
N ILE A 276 -9.64 -14.02 41.31
CA ILE A 276 -10.97 -13.57 40.87
C ILE A 276 -11.26 -14.06 39.45
N ASN A 277 -12.48 -14.54 39.21
CA ASN A 277 -12.88 -14.94 37.87
C ASN A 277 -13.90 -13.98 37.24
N TYR A 278 -13.71 -13.68 35.97
CA TYR A 278 -14.62 -12.84 35.20
C TYR A 278 -15.35 -13.70 34.18
N PHE A 279 -16.68 -13.56 34.11
CA PHE A 279 -17.48 -14.33 33.17
C PHE A 279 -18.24 -13.36 32.28
N LYS A 280 -18.16 -13.57 30.97
CA LYS A 280 -18.79 -12.64 30.07
C LYS A 280 -19.73 -13.36 29.09
N ASP A 281 -20.94 -12.83 28.92
CA ASP A 281 -21.87 -13.30 27.90
C ASP A 281 -21.83 -12.35 26.72
N ILE A 282 -21.76 -12.90 25.51
CA ILE A 282 -21.55 -12.11 24.30
C ILE A 282 -22.69 -12.32 23.31
N ARG A 283 -23.27 -11.21 22.84
CA ARG A 283 -24.28 -11.25 21.77
C ARG A 283 -23.94 -10.21 20.73
N LYS A 284 -23.91 -10.62 19.45
CA LYS A 284 -23.71 -9.67 18.35
C LYS A 284 -24.67 -9.95 17.21
N ALA A 285 -25.07 -8.90 16.51
CA ALA A 285 -25.87 -9.01 15.29
C ALA A 285 -25.28 -8.07 14.25
N THR A 286 -25.08 -8.60 13.03
CA THR A 286 -24.51 -7.85 11.93
C THR A 286 -25.43 -7.89 10.74
N VAL A 287 -25.58 -6.78 10.02
CA VAL A 287 -26.27 -6.76 8.73
C VAL A 287 -25.39 -5.98 7.77
N GLY A 288 -25.18 -6.53 6.57
CA GLY A 288 -24.30 -5.88 5.62
C GLY A 288 -24.77 -6.09 4.19
N TYR A 289 -24.24 -5.29 3.28
CA TYR A 289 -24.60 -5.39 1.88
C TYR A 289 -23.40 -5.03 1.04
N GLU A 290 -23.13 -5.84 0.03
CA GLU A 290 -22.01 -5.59 -0.86
C GLU A 290 -22.51 -5.68 -2.30
N GLN A 291 -22.05 -4.75 -3.14
CA GLN A 291 -22.46 -4.78 -4.54
C GLN A 291 -21.34 -4.34 -5.47
N SER A 292 -21.20 -5.00 -6.62
CA SER A 292 -20.24 -4.54 -7.61
CA SER A 292 -20.25 -4.57 -7.63
C SER A 292 -20.80 -3.32 -8.33
N ILE A 293 -19.91 -2.45 -8.76
CA ILE A 293 -20.28 -1.24 -9.47
C ILE A 293 -19.44 -1.23 -10.73
N GLY A 294 -20.01 -1.72 -11.83
CA GLY A 294 -19.24 -1.86 -13.05
C GLY A 294 -18.38 -3.10 -12.94
N GLU A 295 -17.33 -3.17 -13.74
CA GLU A 295 -16.50 -4.36 -13.79
C GLU A 295 -15.43 -4.41 -12.70
N SER A 296 -15.04 -3.25 -12.16
CA SER A 296 -13.90 -3.24 -11.27
C SER A 296 -14.24 -2.86 -9.83
N TRP A 297 -15.21 -1.99 -9.62
CA TRP A 297 -15.43 -1.49 -8.26
C TRP A 297 -16.36 -2.40 -7.47
N VAL A 298 -16.12 -2.52 -6.17
CA VAL A 298 -17.06 -3.18 -5.27
C VAL A 298 -17.18 -2.37 -4.00
N ALA A 299 -18.41 -2.10 -3.57
CA ALA A 299 -18.64 -1.35 -2.35
C ALA A 299 -19.41 -2.18 -1.35
N LYS A 300 -19.09 -1.99 -0.07
CA LYS A 300 -19.69 -2.75 1.01
C LYS A 300 -20.00 -1.82 2.18
N ALA A 301 -21.16 -2.01 2.79
CA ALA A 301 -21.51 -1.29 4.01
C ALA A 301 -22.03 -2.29 5.02
N GLU A 302 -21.74 -2.05 6.29
CA GLU A 302 -22.08 -3.00 7.32
C GLU A 302 -22.35 -2.29 8.64
N TYR A 303 -23.34 -2.80 9.38
CA TYR A 303 -23.65 -2.33 10.74
C TYR A 303 -23.54 -3.51 11.69
N GLU A 304 -22.89 -3.31 12.82
CA GLU A 304 -22.82 -4.36 13.83
C GLU A 304 -23.23 -3.83 15.19
N TYR A 305 -24.12 -4.58 15.83
CA TYR A 305 -24.46 -4.37 17.23
C TYR A 305 -23.76 -5.40 18.10
N ALA A 306 -23.18 -4.98 19.22
CA ALA A 306 -22.62 -5.94 20.18
C ALA A 306 -23.03 -5.56 21.59
N ASN A 307 -23.41 -6.57 22.36
CA ASN A 307 -23.74 -6.39 23.77
C ASN A 307 -23.02 -7.46 24.57
N GLU A 308 -22.19 -7.03 25.52
CA GLU A 308 -21.41 -7.96 26.31
C GLU A 308 -21.58 -7.63 27.78
N VAL A 309 -22.01 -8.62 28.55
CA VAL A 309 -22.30 -8.45 29.97
C VAL A 309 -21.33 -9.31 30.77
N GLU A 310 -20.60 -8.68 31.68
CA GLU A 310 -19.58 -9.31 32.49
C GLU A 310 -19.93 -9.29 33.97
N LYS A 311 -19.64 -10.37 34.69
CA LYS A 311 -19.69 -10.36 36.15
C LYS A 311 -18.46 -11.03 36.76
N LYS A 312 -18.20 -10.75 38.04
CA LYS A 312 -17.09 -11.36 38.75
C LYS A 312 -17.54 -12.47 39.68
N SER A 313 -16.63 -13.38 40.01
CA SER A 313 -16.89 -14.41 41.01
C SER A 313 -17.13 -13.79 42.39
N ARG A 314 -16.44 -12.68 42.67
CA ARG A 314 -16.54 -11.98 43.95
C ARG A 314 -16.11 -10.53 43.74
N LEU A 315 -16.85 -9.59 44.34
CA LEU A 315 -16.48 -8.19 44.27
C LEU A 315 -15.44 -7.85 45.34
N SER A 316 -14.55 -6.93 44.99
CA SER A 316 -13.48 -6.56 45.92
C SER A 316 -14.04 -5.71 47.06
N GLY A 317 -15.02 -4.86 46.76
CA GLY A 317 -15.66 -4.06 47.78
C GLY A 317 -15.90 -2.62 47.36
N TRP A 318 -15.14 -2.16 46.36
CA TRP A 318 -15.30 -0.80 45.84
C TRP A 318 -16.45 -0.70 44.84
N GLU A 319 -16.86 -1.83 44.26
CA GLU A 319 -17.87 -1.83 43.19
C GLU A 319 -19.28 -1.48 43.67
N ALA A 320 -20.06 -0.85 42.79
CA ALA A 320 -21.45 -0.53 43.12
C ALA A 320 -22.41 -1.67 42.77
N ARG A 321 -21.99 -2.59 41.90
CA ARG A 321 -22.84 -3.69 41.44
C ARG A 321 -21.97 -4.79 40.81
N ASN A 322 -22.48 -6.02 40.70
CA ASN A 322 -21.71 -7.07 40.04
C ASN A 322 -22.16 -7.19 38.60
N LYS A 323 -21.90 -6.14 37.82
CA LYS A 323 -22.28 -6.13 36.42
C LYS A 323 -21.49 -5.07 35.70
N SER A 324 -20.94 -5.44 34.54
CA SER A 324 -20.30 -4.47 33.66
C SER A 324 -20.80 -4.74 32.25
N GLU A 325 -21.45 -3.76 31.65
CA GLU A 325 -22.14 -4.00 30.37
C GLU A 325 -21.65 -3.10 29.26
N LEU A 326 -21.16 -3.72 28.19
CA LEU A 326 -20.77 -3.02 26.97
C LEU A 326 -21.89 -3.07 25.94
N THR A 327 -22.23 -1.90 25.38
CA THR A 327 -23.12 -1.81 24.24
C THR A 327 -22.37 -1.07 23.16
N GLN A 328 -22.26 -1.69 21.98
CA GLN A 328 -21.44 -1.12 20.94
C GLN A 328 -22.19 -1.11 19.63
N HIS A 329 -22.07 0.00 18.91
CA HIS A 329 -22.60 0.13 17.56
C HIS A 329 -21.43 0.43 16.63
N THR A 330 -21.29 -0.34 15.56
CA THR A 330 -20.19 -0.15 14.64
C THR A 330 -20.72 0.05 13.23
N PHE A 331 -20.16 1.03 12.52
CA PHE A 331 -20.54 1.31 11.14
C PHE A 331 -19.31 1.20 10.28
N TYR A 332 -19.44 0.50 9.16
CA TYR A 332 -18.27 0.18 8.35
C TYR A 332 -18.63 0.37 6.88
N ALA A 333 -17.76 1.04 6.14
CA ALA A 333 -17.95 1.17 4.70
C ALA A 333 -16.62 1.03 3.98
N GLN A 334 -16.67 0.37 2.83
CA GLN A 334 -15.48 -0.04 2.11
C GLN A 334 -15.70 0.13 0.61
N ALA A 335 -14.68 0.58 -0.10
CA ALA A 335 -14.72 0.65 -1.56
C ALA A 335 -13.44 0.03 -2.12
N LEU A 336 -13.59 -0.94 -3.00
CA LEU A 336 -12.44 -1.68 -3.50
C LEU A 336 -12.39 -1.63 -5.03
N TYR A 337 -11.19 -1.58 -5.56
CA TYR A 337 -10.99 -1.61 -7.01
C TYR A 337 -10.29 -2.93 -7.33
N ARG A 338 -10.99 -3.80 -8.05
CA ARG A 338 -10.44 -5.11 -8.38
C ARG A 338 -9.64 -5.06 -9.67
N PHE A 339 -8.60 -5.88 -9.73
CA PHE A 339 -7.77 -5.98 -10.93
C PHE A 339 -7.31 -7.42 -11.12
N GLU B 31 11.92 -2.02 18.81
CA GLU B 31 11.79 -0.69 19.40
C GLU B 31 12.16 0.40 18.40
N SER B 32 13.35 0.30 17.82
CA SER B 32 13.72 1.17 16.70
C SER B 32 12.80 0.82 15.53
N PHE B 33 12.40 -0.44 15.50
CA PHE B 33 11.44 -0.98 14.56
C PHE B 33 10.14 -0.17 14.55
N PHE B 34 9.77 0.38 15.70
CA PHE B 34 8.57 1.19 15.86
C PHE B 34 8.82 2.70 15.73
N SER B 35 9.99 3.11 15.28
CA SER B 35 10.31 4.54 15.24
C SER B 35 10.58 5.06 13.83
N PHE B 36 9.79 4.61 12.87
CA PHE B 36 9.86 5.16 11.52
C PHE B 36 9.02 6.42 11.45
N GLY B 37 9.51 7.40 10.70
CA GLY B 37 8.71 8.53 10.29
C GLY B 37 8.42 8.34 8.81
N GLY B 38 7.72 9.28 8.19
CA GLY B 38 7.49 9.18 6.75
C GLY B 38 6.19 9.84 6.35
N HIS B 39 5.57 9.32 5.29
CA HIS B 39 4.28 9.83 4.83
C HIS B 39 3.50 8.76 4.10
N VAL B 40 2.19 8.92 4.05
CA VAL B 40 1.33 8.17 3.15
C VAL B 40 0.52 9.19 2.37
N GLY B 41 0.36 8.94 1.08
CA GLY B 41 -0.36 9.90 0.26
C GLY B 41 -0.86 9.28 -1.02
N THR B 42 -1.36 10.16 -1.89
CA THR B 42 -1.88 9.79 -3.20
C THR B 42 -1.47 10.88 -4.18
N SER B 43 -1.47 10.55 -5.46
CA SER B 43 -1.23 11.54 -6.50
C SER B 43 -1.96 11.17 -7.77
N VAL B 44 -2.06 12.13 -8.68
CA VAL B 44 -2.68 11.89 -9.96
C VAL B 44 -1.86 12.64 -10.98
N GLU B 45 -1.70 12.02 -12.14
CA GLU B 45 -0.97 12.65 -13.23
C GLU B 45 -1.79 12.51 -14.50
N TYR B 46 -1.87 13.61 -15.25
CA TYR B 46 -2.64 13.70 -16.48
C TYR B 46 -1.67 14.15 -17.57
N GLU B 47 -1.44 13.28 -18.53
CA GLU B 47 -0.48 13.54 -19.59
C GLU B 47 -1.14 13.58 -20.95
N ASP B 48 -0.95 14.70 -21.65
CA ASP B 48 -1.52 14.91 -22.99
C ASP B 48 -0.38 15.04 -23.98
N LYS B 49 -0.24 14.04 -24.85
CA LYS B 49 0.84 14.03 -25.84
C LYS B 49 0.31 14.06 -27.25
N VAL B 50 0.96 14.84 -28.10
CA VAL B 50 0.76 14.71 -29.53
C VAL B 50 2.11 14.51 -30.20
N THR B 51 2.22 13.45 -31.00
CA THR B 51 3.44 13.21 -31.75
C THR B 51 3.10 13.32 -33.23
N ARG B 52 3.68 14.29 -33.92
CA ARG B 52 3.54 14.31 -35.37
C ARG B 52 4.77 13.63 -35.93
N GLY B 53 4.56 12.41 -36.43
CA GLY B 53 5.67 11.53 -36.77
C GLY B 53 6.25 11.76 -38.14
N PHE B 54 7.10 10.82 -38.56
CA PHE B 54 7.68 10.84 -39.89
C PHE B 54 6.63 10.70 -40.98
N ASN B 55 5.44 10.23 -40.60
CA ASN B 55 4.32 10.13 -41.52
C ASN B 55 3.58 11.46 -41.63
N ASN B 56 4.04 12.45 -40.87
CA ASN B 56 3.43 13.78 -40.84
C ASN B 56 1.95 13.76 -40.41
N THR B 57 1.58 12.78 -39.59
CA THR B 57 0.24 12.74 -39.01
C THR B 57 0.31 12.67 -37.49
N ASP B 58 -0.77 13.07 -36.83
CA ASP B 58 -0.77 13.16 -35.37
C ASP B 58 -1.19 11.87 -34.67
N LYS B 59 -0.31 11.39 -33.81
CA LYS B 59 -0.66 10.36 -32.86
C LYS B 59 -0.94 11.02 -31.53
N LYS B 60 -2.18 10.91 -31.06
CA LYS B 60 -2.59 11.58 -29.84
C LYS B 60 -2.73 10.57 -28.72
N GLU B 61 -2.13 10.87 -27.58
CA GLU B 61 -2.19 9.96 -26.45
C GLU B 61 -2.55 10.71 -25.19
N LYS B 62 -3.50 10.18 -24.44
CA LYS B 62 -3.81 10.71 -23.12
C LYS B 62 -3.59 9.62 -22.10
N THR B 63 -2.82 9.92 -21.07
CA THR B 63 -2.52 8.94 -20.05
C THR B 63 -2.86 9.51 -18.68
N ILE B 64 -3.65 8.76 -17.93
CA ILE B 64 -3.96 9.16 -16.58
C ILE B 64 -3.40 8.11 -15.62
N THR B 65 -2.61 8.59 -14.67
CA THR B 65 -1.98 7.73 -13.69
C THR B 65 -2.51 8.06 -12.32
N ASN B 66 -3.20 7.10 -11.71
CA ASN B 66 -3.75 7.23 -10.38
CA ASN B 66 -3.71 7.26 -10.36
C ASN B 66 -2.86 6.49 -9.36
N GLU B 67 -2.11 7.24 -8.57
CA GLU B 67 -1.26 6.64 -7.55
C GLU B 67 -2.10 6.54 -6.29
N VAL B 68 -2.63 5.36 -6.02
CA VAL B 68 -3.59 5.24 -4.93
C VAL B 68 -2.90 5.09 -3.58
N PHE B 69 -1.59 4.87 -3.61
CA PHE B 69 -0.81 4.76 -2.37
C PHE B 69 0.64 5.12 -2.69
N ASN B 70 1.12 6.12 -1.98
CA ASN B 70 2.49 6.66 -2.07
C ASN B 70 3.01 6.60 -0.65
N PHE B 71 3.92 5.66 -0.35
CA PHE B 71 4.29 5.35 1.03
C PHE B 71 5.80 5.54 1.23
N PHE B 72 6.16 6.52 2.04
CA PHE B 72 7.56 6.82 2.31
C PHE B 72 7.82 6.53 3.77
N TYR B 73 8.89 5.79 4.06
CA TYR B 73 9.22 5.55 5.47
C TYR B 73 10.71 5.67 5.70
N ASN B 74 11.05 6.23 6.85
CA ASN B 74 12.40 6.66 7.14
C ASN B 74 12.76 6.31 8.57
N ASN B 75 13.90 5.65 8.76
CA ASN B 75 14.40 5.34 10.11
C ASN B 75 15.79 5.94 10.30
N PRO B 76 15.83 7.12 10.94
CA PRO B 76 17.08 7.87 11.09
C PRO B 76 18.12 7.13 11.91
N GLN B 77 17.70 6.26 12.82
CA GLN B 77 18.63 5.47 13.61
C GLN B 77 19.31 4.40 12.75
N TRP B 78 18.57 3.82 11.81
CA TRP B 78 19.15 2.86 10.88
C TRP B 78 19.79 3.56 9.69
N ASN B 79 19.50 4.86 9.55
CA ASN B 79 19.84 5.61 8.34
C ASN B 79 19.36 4.83 7.12
N PHE B 80 18.06 4.52 7.13
CA PHE B 80 17.46 3.74 6.08
C PHE B 80 16.14 4.39 5.68
N MET B 81 15.89 4.49 4.38
CA MET B 81 14.67 5.06 3.85
C MET B 81 14.10 4.04 2.87
N GLY B 82 12.78 3.90 2.86
CA GLY B 82 12.12 3.01 1.92
C GLY B 82 10.96 3.71 1.26
N PHE B 83 10.56 3.22 0.10
CA PHE B 83 9.44 3.79 -0.61
C PHE B 83 8.64 2.69 -1.31
N TYR B 84 7.32 2.81 -1.31
CA TYR B 84 6.45 1.90 -2.05
C TYR B 84 5.33 2.70 -2.74
N SER B 85 5.04 2.34 -3.98
CA SER B 85 3.99 3.04 -4.74
C SER B 85 3.13 2.03 -5.49
N PHE B 86 1.81 2.25 -5.47
CA PHE B 86 0.89 1.47 -6.29
C PHE B 86 0.17 2.43 -7.22
N LYS B 87 0.29 2.20 -8.52
CA LYS B 87 -0.31 3.05 -9.54
C LYS B 87 -1.21 2.29 -10.50
N ILE B 88 -2.34 2.92 -10.82
CA ILE B 88 -3.21 2.44 -11.89
C ILE B 88 -3.04 3.40 -13.08
N GLU B 89 -2.70 2.84 -14.23
CA GLU B 89 -2.38 3.62 -15.42
C GLU B 89 -3.36 3.30 -16.52
N ASN B 90 -3.92 4.33 -17.13
CA ASN B 90 -4.79 4.14 -18.30
C ASN B 90 -4.35 5.05 -19.42
N ARG B 91 -4.03 4.47 -20.58
CA ARG B 91 -3.58 5.23 -21.74
C ARG B 91 -4.52 5.01 -22.92
N GLU B 92 -4.88 6.09 -23.59
CA GLU B 92 -5.66 6.01 -24.82
C GLU B 92 -4.89 6.66 -25.96
N GLN B 93 -4.66 5.89 -27.03
CA GLN B 93 -3.97 6.38 -28.21
C GLN B 93 -4.94 6.46 -29.37
N LYS B 94 -4.92 7.56 -30.12
CA LYS B 94 -5.76 7.71 -31.31
C LYS B 94 -4.97 8.37 -32.43
N GLU B 95 -5.18 7.89 -33.65
CA GLU B 95 -4.51 8.43 -34.82
C GLU B 95 -5.33 8.01 -36.05
N PRO B 96 -5.02 8.55 -37.23
CA PRO B 96 -5.81 8.13 -38.40
C PRO B 96 -5.83 6.61 -38.58
N GLY B 97 -7.02 6.03 -38.59
CA GLY B 97 -7.20 4.62 -38.87
C GLY B 97 -6.68 3.64 -37.83
N TYR B 98 -6.44 4.11 -36.61
CA TYR B 98 -5.96 3.23 -35.55
C TYR B 98 -6.22 3.80 -34.17
N TYR B 99 -6.46 2.92 -33.20
CA TYR B 99 -6.52 3.31 -31.80
C TYR B 99 -5.90 2.20 -30.97
N GLU B 100 -5.54 2.56 -29.75
CA GLU B 100 -4.93 1.62 -28.84
C GLU B 100 -5.25 2.06 -27.43
N ASN B 101 -5.76 1.15 -26.60
CA ASN B 101 -5.96 1.44 -25.18
C ASN B 101 -5.14 0.48 -24.34
N GLU B 102 -4.51 0.99 -23.29
CA GLU B 102 -3.67 0.17 -22.45
C GLU B 102 -3.97 0.45 -20.99
N ASP B 103 -4.27 -0.61 -20.24
CA ASP B 103 -4.51 -0.49 -18.81
C ASP B 103 -3.44 -1.25 -18.05
N GLY B 104 -2.89 -0.60 -17.03
CA GLY B 104 -1.71 -1.13 -16.36
C GLY B 104 -1.78 -0.99 -14.86
N ILE B 105 -1.04 -1.86 -14.19
CA ILE B 105 -0.86 -1.77 -12.75
C ILE B 105 0.63 -1.71 -12.54
N LYS B 106 1.09 -0.61 -11.93
CA LYS B 106 2.51 -0.39 -11.76
C LYS B 106 2.87 -0.25 -10.29
N GLN B 107 3.83 -1.05 -9.84
CA GLN B 107 4.31 -0.96 -8.47
C GLN B 107 5.80 -0.64 -8.41
N LEU B 108 6.17 0.22 -7.46
CA LEU B 108 7.56 0.57 -7.26
C LEU B 108 7.98 0.26 -5.82
N PHE B 109 9.14 -0.36 -5.69
CA PHE B 109 9.78 -0.64 -4.39
C PHE B 109 11.14 0.02 -4.38
N SER B 110 11.43 0.80 -3.35
CA SER B 110 12.71 1.47 -3.29
C SER B 110 13.32 1.32 -1.90
N LEU B 111 14.58 0.93 -1.87
CA LEU B 111 15.36 0.84 -0.62
C LEU B 111 16.58 1.71 -0.71
N ASN B 112 16.80 2.52 0.32
CA ASN B 112 17.96 3.41 0.35
C ASN B 112 18.67 3.25 1.68
N LYS B 113 19.88 2.68 1.65
CA LYS B 113 20.72 2.60 2.84
C LYS B 113 21.75 3.69 2.77
N GLY B 114 21.75 4.58 3.75
CA GLY B 114 22.63 5.72 3.75
C GLY B 114 23.77 5.52 4.73
N HIS B 115 24.79 6.35 4.57
CA HIS B 115 25.92 6.30 5.49
C HIS B 115 26.57 7.69 5.64
N ASP B 116 26.57 8.20 6.86
CA ASP B 116 27.15 9.51 7.14
C ASP B 116 28.66 9.41 7.20
N LEU B 117 29.36 10.20 6.39
CA LEU B 117 30.82 10.17 6.35
C LEU B 117 31.43 11.29 7.19
N GLY B 118 30.58 12.19 7.66
CA GLY B 118 31.03 13.28 8.52
C GLY B 118 31.51 14.46 7.72
N ASN B 119 31.59 15.62 8.38
CA ASN B 119 32.09 16.85 7.78
C ASN B 119 31.32 17.25 6.51
N GLY B 120 30.02 17.01 6.52
CA GLY B 120 29.14 17.40 5.43
C GLY B 120 28.98 16.38 4.30
N TRP B 121 29.76 15.30 4.36
CA TRP B 121 29.75 14.24 3.35
C TRP B 121 28.86 13.06 3.75
N ALA B 122 28.23 12.42 2.76
CA ALA B 122 27.45 11.21 3.01
C ALA B 122 27.39 10.37 1.75
N THR B 123 27.11 9.09 1.90
CA THR B 123 27.06 8.22 0.74
C THR B 123 25.96 7.19 1.00
N GLY B 124 25.74 6.29 0.05
CA GLY B 124 24.69 5.33 0.25
C GLY B 124 24.44 4.54 -1.01
N LEU B 125 23.43 3.68 -0.94
CA LEU B 125 23.08 2.83 -2.07
C LEU B 125 21.58 2.72 -2.14
N ILE B 126 21.07 2.94 -3.35
CA ILE B 126 19.64 2.78 -3.64
C ILE B 126 19.43 1.56 -4.53
N TYR B 127 18.50 0.70 -4.15
CA TYR B 127 18.01 -0.33 -5.05
C TYR B 127 16.54 -0.08 -5.30
N GLU B 128 16.15 0.03 -6.57
CA GLU B 128 14.74 0.26 -6.91
C GLU B 128 14.25 -0.76 -7.91
N LEU B 129 13.04 -1.23 -7.69
CA LEU B 129 12.44 -2.18 -8.62
C LEU B 129 11.06 -1.63 -8.97
N GLU B 130 10.78 -1.50 -10.26
CA GLU B 130 9.47 -1.05 -10.69
C GLU B 130 8.94 -2.08 -11.64
N TYR B 131 7.74 -2.62 -11.38
CA TYR B 131 7.21 -3.56 -12.34
C TYR B 131 5.76 -3.29 -12.67
N THR B 132 5.45 -3.49 -13.95
CA THR B 132 4.20 -3.13 -14.53
C THR B 132 3.60 -4.31 -15.28
N ARG B 133 2.34 -4.58 -15.00
CA ARG B 133 1.58 -5.56 -15.74
C ARG B 133 0.47 -4.82 -16.51
N SER B 134 0.42 -4.98 -17.82
CA SER B 134 -0.62 -4.28 -18.58
C SER B 134 -1.30 -5.13 -19.65
N LYS B 135 -2.41 -4.61 -20.16
CA LYS B 135 -3.17 -5.23 -21.23
C LYS B 135 -3.46 -4.18 -22.28
N VAL B 136 -3.33 -4.57 -23.54
CA VAL B 136 -3.51 -3.68 -24.69
C VAL B 136 -4.71 -4.09 -25.53
N TYR B 137 -5.51 -3.11 -25.94
CA TYR B 137 -6.70 -3.35 -26.78
C TYR B 137 -6.65 -2.45 -28.00
N SER B 138 -6.90 -3.04 -29.16
CA SER B 138 -6.82 -2.32 -30.43
C SER B 138 -7.75 -2.99 -31.43
N PRO B 139 -7.82 -2.49 -32.67
CA PRO B 139 -8.60 -3.27 -33.64
C PRO B 139 -8.02 -4.66 -33.91
N ASP B 140 -6.74 -4.87 -33.62
CA ASP B 140 -6.06 -6.12 -33.99
C ASP B 140 -5.74 -7.04 -32.82
N VAL B 141 -5.72 -6.51 -31.59
CA VAL B 141 -5.54 -7.38 -30.43
C VAL B 141 -6.54 -7.04 -29.34
N SER B 142 -6.87 -8.04 -28.53
CA SER B 142 -7.76 -7.86 -27.41
CA SER B 142 -7.76 -7.86 -27.41
C SER B 142 -7.13 -8.44 -26.15
N GLY B 143 -6.61 -7.57 -25.31
CA GLY B 143 -6.00 -7.99 -24.07
C GLY B 143 -4.62 -8.60 -24.23
N LEU B 144 -3.84 -8.15 -25.21
CA LEU B 144 -2.44 -8.54 -25.30
C LEU B 144 -1.70 -8.13 -24.02
N ARG B 145 -0.91 -9.04 -23.48
CA ARG B 145 -0.28 -8.80 -22.18
C ARG B 145 1.15 -8.28 -22.32
N LYS B 146 1.48 -7.24 -21.56
CA LYS B 146 2.84 -6.74 -21.48
C LYS B 146 3.32 -6.76 -20.04
N ASN B 147 4.50 -7.33 -19.83
CA ASN B 147 5.12 -7.37 -18.52
C ASN B 147 6.42 -6.59 -18.55
N LEU B 148 6.54 -5.60 -17.69
CA LEU B 148 7.75 -4.78 -17.66
C LEU B 148 8.38 -4.81 -16.28
N ALA B 149 9.68 -5.11 -16.22
CA ALA B 149 10.44 -4.99 -14.97
C ALA B 149 11.65 -4.08 -15.17
N GLU B 150 11.81 -3.11 -14.27
CA GLU B 150 12.96 -2.23 -14.37
C GLU B 150 13.69 -2.21 -13.04
N HIS B 151 14.98 -2.54 -13.09
CA HIS B 151 15.84 -2.53 -11.90
C HIS B 151 16.80 -1.37 -11.97
N SER B 152 16.93 -0.64 -10.87
CA SER B 152 17.83 0.51 -10.84
C SER B 152 18.70 0.40 -9.60
N ILE B 153 20.01 0.43 -9.81
CA ILE B 153 20.95 0.38 -8.69
C ILE B 153 21.77 1.66 -8.69
N ARG B 154 21.70 2.44 -7.62
CA ARG B 154 22.30 3.76 -7.61
C ARG B 154 23.15 4.05 -6.37
N PRO B 155 24.47 3.88 -6.49
CA PRO B 155 25.35 4.40 -5.43
C PRO B 155 25.37 5.92 -5.50
N TYR B 156 25.36 6.61 -4.36
CA TYR B 156 25.33 8.07 -4.43
C TYR B 156 26.30 8.70 -3.46
N LEU B 157 26.56 9.99 -3.69
CA LEU B 157 27.50 10.74 -2.87
C LEU B 157 27.00 12.17 -2.74
N THR B 158 26.88 12.63 -1.51
CA THR B 158 26.38 13.98 -1.28
C THR B 158 27.36 14.79 -0.45
N TYR B 159 27.32 16.09 -0.64
CA TYR B 159 28.13 16.99 0.17
C TYR B 159 27.29 18.21 0.47
N TRP B 160 27.36 18.71 1.70
CA TRP B 160 26.73 19.98 1.99
C TRP B 160 27.67 20.80 2.87
N ASN B 161 27.91 22.05 2.48
CA ASN B 161 28.75 22.94 3.27
C ASN B 161 27.89 24.01 3.91
N ASN B 162 27.83 24.04 5.23
CA ASN B 162 26.96 24.99 5.94
C ASN B 162 27.48 26.43 6.01
N ASP B 163 28.76 26.63 5.73
CA ASP B 163 29.27 28.00 5.67
C ASP B 163 28.92 28.68 4.36
N TYR B 164 29.20 28.02 3.25
CA TYR B 164 28.89 28.56 1.93
C TYR B 164 27.43 28.35 1.54
N ASN B 165 26.74 27.50 2.30
CA ASN B 165 25.40 27.07 1.95
C ASN B 165 25.34 26.57 0.51
N MET B 166 26.28 25.71 0.16
CA MET B 166 26.23 25.06 -1.13
C MET B 166 26.67 23.62 -0.99
N GLY B 167 26.29 22.82 -1.96
CA GLY B 167 26.61 21.41 -1.91
C GLY B 167 26.28 20.78 -3.23
N PHE B 168 26.27 19.45 -3.26
CA PHE B 168 25.81 18.76 -4.45
C PHE B 168 25.19 17.44 -4.07
N TYR B 169 24.31 16.97 -4.95
CA TYR B 169 23.88 15.59 -4.98
C TYR B 169 24.54 14.96 -6.22
N SER B 170 25.00 13.73 -6.09
CA SER B 170 25.57 13.03 -7.25
C SER B 170 25.29 11.55 -7.12
N ASN B 171 25.16 10.86 -8.26
CA ASN B 171 25.00 9.42 -8.23
C ASN B 171 25.39 8.80 -9.55
N LEU B 172 25.67 7.50 -9.49
CA LEU B 172 25.79 6.67 -10.67
C LEU B 172 24.56 5.77 -10.71
N GLU B 173 24.32 5.13 -11.85
CA GLU B 173 23.19 4.24 -11.95
C GLU B 173 23.48 3.11 -12.90
N TYR B 174 23.12 1.90 -12.49
CA TYR B 174 22.94 0.81 -13.44
C TYR B 174 21.46 0.58 -13.59
N LEU B 175 21.00 0.49 -14.83
CA LEU B 175 19.58 0.39 -15.11
C LEU B 175 19.33 -0.74 -16.08
N LEU B 176 18.50 -1.69 -15.66
CA LEU B 176 18.13 -2.81 -16.51
C LEU B 176 16.61 -2.83 -16.69
N SER B 177 16.18 -2.85 -17.94
CA SER B 177 14.76 -2.81 -18.25
C SER B 177 14.43 -4.02 -19.09
N LYS B 178 13.49 -4.83 -18.63
CA LYS B 178 13.10 -6.03 -19.37
C LYS B 178 11.60 -6.07 -19.59
N GLU B 179 11.20 -6.10 -20.87
CA GLU B 179 9.79 -6.08 -21.23
C GLU B 179 9.41 -7.27 -22.10
N ASP B 180 8.37 -7.98 -21.68
CA ASP B 180 7.85 -9.12 -22.44
C ASP B 180 6.49 -8.70 -22.99
N ARG B 181 6.35 -8.67 -24.32
CA ARG B 181 5.09 -8.26 -24.93
C ARG B 181 4.46 -9.41 -25.67
N ASN B 182 4.75 -10.62 -25.23
CA ASN B 182 4.17 -11.83 -25.79
C ASN B 182 4.25 -11.85 -27.31
N ALA B 183 3.13 -11.75 -28.01
CA ALA B 183 3.15 -11.89 -29.47
C ALA B 183 3.95 -10.78 -30.16
N TRP B 184 4.13 -9.65 -29.47
CA TRP B 184 4.86 -8.52 -30.04
C TRP B 184 6.37 -8.57 -29.70
N GLY B 185 6.80 -9.65 -29.05
CA GLY B 185 8.22 -9.85 -28.81
C GLY B 185 8.73 -9.36 -27.46
N LYS B 186 10.06 -9.40 -27.29
CA LYS B 186 10.69 -8.98 -26.05
C LYS B 186 11.68 -7.84 -26.29
N ARG B 187 11.82 -6.97 -25.30
CA ARG B 187 12.74 -5.85 -25.39
C ARG B 187 13.55 -5.72 -24.11
N GLN B 188 14.86 -5.62 -24.25
CA GLN B 188 15.73 -5.34 -23.11
C GLN B 188 16.56 -4.09 -23.32
N GLU B 189 16.62 -3.25 -22.30
CA GLU B 189 17.51 -2.10 -22.31
C GLU B 189 18.44 -2.20 -21.11
N GLN B 190 19.70 -1.91 -21.32
CA GLN B 190 20.66 -2.03 -20.24
C GLN B 190 21.67 -0.92 -20.37
N GLY B 191 21.89 -0.20 -19.28
CA GLY B 191 22.78 0.95 -19.36
C GLY B 191 23.19 1.56 -18.05
N TYR B 192 23.85 2.71 -18.17
CA TYR B 192 24.42 3.42 -17.04
C TYR B 192 24.12 4.90 -17.18
N SER B 193 24.10 5.57 -16.03
CA SER B 193 23.97 7.01 -16.06
C SER B 193 24.74 7.60 -14.91
N ALA B 194 25.02 8.89 -15.03
CA ALA B 194 25.69 9.66 -14.01
C ALA B 194 24.95 10.99 -13.90
N LEU B 195 24.76 11.43 -12.66
CA LEU B 195 24.05 12.66 -12.38
C LEU B 195 24.87 13.48 -11.40
N PHE B 196 25.01 14.77 -11.68
CA PHE B 196 25.71 15.69 -10.78
C PHE B 196 24.86 16.94 -10.66
N LYS B 197 24.44 17.26 -9.43
CA LYS B 197 23.59 18.41 -9.19
C LYS B 197 24.15 19.32 -8.10
N PRO B 198 24.99 20.29 -8.50
CA PRO B 198 25.40 21.30 -7.52
C PRO B 198 24.24 22.26 -7.22
N TYR B 199 24.15 22.74 -5.98
CA TYR B 199 23.12 23.71 -5.66
C TYR B 199 23.53 24.61 -4.53
N LYS B 200 22.81 25.71 -4.38
CA LYS B 200 23.12 26.66 -3.32
C LYS B 200 21.85 27.30 -2.78
N ARG B 201 21.89 27.68 -1.51
CA ARG B 201 20.76 28.31 -0.86
C ARG B 201 21.18 29.67 -0.30
N PHE B 202 20.30 30.64 -0.41
CA PHE B 202 20.57 31.98 0.09
C PHE B 202 19.24 32.68 0.32
N GLY B 203 18.99 33.08 1.56
CA GLY B 203 17.71 33.66 1.93
C GLY B 203 16.62 32.66 1.62
N ASN B 204 15.58 33.11 0.92
CA ASN B 204 14.46 32.22 0.57
C ASN B 204 14.67 31.48 -0.75
N TRP B 205 15.85 31.67 -1.35
CA TRP B 205 16.14 31.09 -2.64
C TRP B 205 16.93 29.80 -2.56
N GLU B 206 16.71 28.94 -3.54
CA GLU B 206 17.61 27.84 -3.83
C GLU B 206 17.77 27.77 -5.33
N VAL B 207 19.01 27.60 -5.78
CA VAL B 207 19.28 27.50 -7.21
C VAL B 207 20.18 26.30 -7.41
N GLY B 208 19.88 25.48 -8.40
CA GLY B 208 20.72 24.33 -8.68
C GLY B 208 20.76 24.07 -10.16
N VAL B 209 21.67 23.20 -10.59
CA VAL B 209 21.71 22.76 -11.97
C VAL B 209 22.01 21.28 -12.02
N GLU B 210 21.10 20.53 -12.62
CA GLU B 210 21.30 19.10 -12.75
C GLU B 210 22.00 18.78 -14.07
N PHE B 211 23.12 18.07 -14.01
CA PHE B 211 23.83 17.57 -15.20
C PHE B 211 23.66 16.05 -15.27
N TYR B 212 23.34 15.52 -16.45
CA TYR B 212 22.98 14.11 -16.58
C TYR B 212 23.52 13.54 -17.86
N TYR B 213 24.06 12.32 -17.78
CA TYR B 213 24.55 11.59 -18.94
C TYR B 213 24.14 10.14 -18.81
N GLN B 214 23.66 9.55 -19.90
CA GLN B 214 23.22 8.17 -19.86
C GLN B 214 23.68 7.45 -21.12
N ILE B 215 24.10 6.20 -20.97
CA ILE B 215 24.37 5.34 -22.12
C ILE B 215 23.56 4.07 -21.95
N LYS B 216 23.19 3.45 -23.06
CA LYS B 216 22.26 2.35 -22.99
C LYS B 216 22.38 1.54 -24.27
N THR B 217 22.17 0.23 -24.16
CA THR B 217 21.99 -0.58 -25.36
C THR B 217 20.53 -1.05 -25.42
N ASN B 218 19.99 -1.11 -26.62
CA ASN B 218 18.63 -1.60 -26.84
C ASN B 218 18.66 -2.90 -27.59
N ASP B 219 17.94 -3.90 -27.12
CA ASP B 219 17.78 -5.14 -27.87
C ASP B 219 16.33 -5.58 -27.88
N GLU B 220 15.78 -5.69 -29.08
CA GLU B 220 14.40 -6.07 -29.22
C GLU B 220 14.24 -7.18 -30.26
N LYS B 221 13.52 -8.24 -29.89
CA LYS B 221 13.39 -9.38 -30.78
C LYS B 221 11.94 -9.84 -30.89
N GLN B 222 11.59 -10.39 -32.05
CA GLN B 222 10.31 -11.07 -32.24
C GLN B 222 10.34 -12.42 -31.53
N PRO B 223 9.15 -13.04 -31.33
CA PRO B 223 9.13 -14.36 -30.67
C PRO B 223 10.01 -15.43 -31.36
N ASP B 224 10.10 -15.41 -32.68
CA ASP B 224 10.94 -16.40 -33.36
C ASP B 224 12.44 -16.07 -33.32
N GLY B 225 12.79 -14.88 -32.84
CA GLY B 225 14.19 -14.51 -32.71
C GLY B 225 14.64 -13.42 -33.67
N THR B 226 13.79 -13.11 -34.65
CA THR B 226 14.04 -12.03 -35.59
C THR B 226 14.32 -10.73 -34.85
N ILE B 227 15.41 -10.06 -35.25
CA ILE B 227 15.80 -8.83 -34.57
C ILE B 227 15.01 -7.64 -35.11
N ASN B 228 14.34 -6.95 -34.20
CA ASN B 228 13.68 -5.68 -34.51
C ASN B 228 14.68 -4.54 -34.36
N GLU B 229 15.37 -4.53 -33.23
CA GLU B 229 16.33 -3.47 -32.96
C GLU B 229 17.55 -3.99 -32.20
N LYS B 230 18.71 -3.55 -32.65
CA LYS B 230 19.92 -3.66 -31.88
C LYS B 230 20.62 -2.32 -32.01
N SER B 231 20.63 -1.53 -30.95
CA SER B 231 21.16 -0.17 -31.05
C SER B 231 21.87 0.30 -29.79
N ASP B 232 22.62 1.39 -29.96
CA ASP B 232 23.33 2.05 -28.86
C ASP B 232 22.80 3.45 -28.71
N PHE B 233 22.60 3.86 -27.46
CA PHE B 233 21.90 5.09 -27.14
C PHE B 233 22.73 5.88 -26.15
N ASN B 234 22.74 7.20 -26.29
CA ASN B 234 23.22 8.05 -25.21
C ASN B 234 22.38 9.31 -25.12
N GLU B 235 22.29 9.86 -23.92
CA GLU B 235 21.54 11.08 -23.67
C GLU B 235 22.34 11.98 -22.76
N ARG B 236 22.23 13.29 -22.96
CA ARG B 236 22.74 14.23 -21.97
C ARG B 236 21.74 15.35 -21.81
N TYR B 237 21.62 15.90 -20.61
CA TYR B 237 20.85 17.11 -20.46
C TYR B 237 21.46 17.97 -19.37
N ILE B 238 21.12 19.26 -19.43
CA ILE B 238 21.39 20.20 -18.35
C ILE B 238 20.05 20.80 -17.91
N GLU B 239 19.83 20.89 -16.60
CA GLU B 239 18.55 21.34 -16.10
C GLU B 239 18.67 22.25 -14.88
N PRO B 240 18.75 23.57 -15.13
CA PRO B 240 18.70 24.52 -13.99
C PRO B 240 17.36 24.46 -13.26
N ILE B 241 17.40 24.72 -11.96
CA ILE B 241 16.18 24.78 -11.18
C ILE B 241 16.27 25.96 -10.21
N VAL B 242 15.19 26.71 -10.10
CA VAL B 242 15.13 27.83 -9.17
C VAL B 242 13.92 27.64 -8.27
N GLN B 243 14.11 27.81 -6.97
CA GLN B 243 13.02 27.67 -6.01
C GLN B 243 12.98 28.88 -5.12
N TYR B 244 11.77 29.32 -4.76
CA TYR B 244 11.61 30.41 -3.80
C TYR B 244 10.61 29.97 -2.74
N SER B 245 11.03 30.03 -1.48
CA SER B 245 10.16 29.67 -0.38
C SER B 245 9.59 30.91 0.32
N PHE B 246 8.28 31.07 0.24
CA PHE B 246 7.60 32.22 0.84
C PHE B 246 7.54 32.06 2.35
N ASP B 247 7.84 33.14 3.05
CA ASP B 247 7.97 33.15 4.51
C ASP B 247 6.87 32.38 5.26
N ASP B 248 5.60 32.70 5.00
CA ASP B 248 4.54 31.96 5.67
C ASP B 248 3.63 31.26 4.67
N ALA B 249 4.25 30.70 3.64
CA ALA B 249 3.53 29.95 2.63
C ALA B 249 4.42 28.82 2.10
N GLY B 250 4.27 28.48 0.84
CA GLY B 250 4.97 27.31 0.33
C GLY B 250 6.20 27.65 -0.47
N THR B 251 6.56 26.72 -1.35
CA THR B 251 7.70 26.88 -2.22
C THR B 251 7.24 26.85 -3.69
N LEU B 252 7.54 27.93 -4.39
CA LEU B 252 7.32 28.02 -5.83
C LEU B 252 8.61 27.64 -6.54
N TYR B 253 8.53 26.82 -7.58
CA TYR B 253 9.76 26.39 -8.24
C TYR B 253 9.61 26.24 -9.75
N THR B 254 10.72 26.31 -10.47
CA THR B 254 10.69 26.09 -11.90
C THR B 254 11.96 25.39 -12.32
N ARG B 255 11.84 24.51 -13.31
CA ARG B 255 12.98 23.78 -13.87
C ARG B 255 12.90 23.91 -15.35
N VAL B 256 14.05 24.07 -16.00
CA VAL B 256 14.09 24.10 -17.44
C VAL B 256 15.17 23.12 -17.90
N ARG B 257 14.82 22.20 -18.79
CA ARG B 257 15.77 21.21 -19.29
C ARG B 257 16.08 21.43 -20.76
N VAL B 258 17.37 21.39 -21.10
CA VAL B 258 17.79 21.33 -22.48
C VAL B 258 18.65 20.09 -22.64
N GLY B 259 18.27 19.22 -23.56
CA GLY B 259 19.01 17.99 -23.74
C GLY B 259 19.05 17.49 -25.18
N LYS B 260 19.85 16.46 -25.40
CA LYS B 260 19.81 15.76 -26.67
C LYS B 260 20.14 14.29 -26.45
N ASN B 261 19.58 13.44 -27.30
CA ASN B 261 19.98 12.04 -27.25
C ASN B 261 20.16 11.51 -28.66
N GLU B 262 20.78 10.34 -28.75
CA GLU B 262 21.09 9.71 -30.03
C GLU B 262 20.85 8.23 -29.91
N THR B 263 20.28 7.65 -30.95
CA THR B 263 20.13 6.21 -31.02
C THR B 263 20.81 5.76 -32.31
N LYS B 264 21.81 4.89 -32.19
CA LYS B 264 22.56 4.43 -33.34
C LYS B 264 22.36 2.94 -33.55
N ASN B 265 21.60 2.59 -34.59
CA ASN B 265 21.35 1.19 -34.90
C ASN B 265 22.54 0.51 -35.55
N THR B 266 22.80 -0.72 -35.13
CA THR B 266 23.78 -1.55 -35.82
C THR B 266 23.18 -2.06 -37.13
N ASP B 267 23.98 -2.76 -37.92
CA ASP B 267 23.51 -3.34 -39.18
C ASP B 267 22.49 -4.46 -38.97
N ARG B 268 22.31 -4.90 -37.74
CA ARG B 268 21.42 -6.03 -37.45
C ARG B 268 19.98 -5.62 -37.16
N SER B 269 19.74 -4.34 -36.92
CA SER B 269 18.38 -3.86 -36.68
C SER B 269 17.46 -4.17 -37.85
N GLY B 270 16.19 -4.37 -37.57
CA GLY B 270 15.20 -4.62 -38.61
C GLY B 270 14.34 -3.41 -38.89
N GLY B 271 13.25 -3.63 -39.63
CA GLY B 271 12.30 -2.57 -39.93
C GLY B 271 12.83 -1.45 -40.79
N GLY B 272 13.93 -1.70 -41.50
CA GLY B 272 14.57 -0.68 -42.30
C GLY B 272 15.49 0.22 -41.47
N ASN B 273 15.75 -0.16 -40.23
CA ASN B 273 16.58 0.67 -39.37
C ASN B 273 18.05 0.25 -39.30
N ALA B 274 18.44 -0.70 -40.12
CA ALA B 274 19.84 -1.16 -40.14
C ALA B 274 20.78 0.00 -40.44
N GLY B 275 21.69 0.28 -39.52
CA GLY B 275 22.67 1.35 -39.72
C GLY B 275 22.12 2.76 -39.66
N ILE B 276 20.88 2.92 -39.19
CA ILE B 276 20.25 4.24 -39.13
C ILE B 276 20.44 4.89 -37.77
N ASN B 277 20.78 6.18 -37.77
CA ASN B 277 20.93 6.94 -36.52
C ASN B 277 19.76 7.91 -36.32
N TYR B 278 19.26 7.98 -35.09
CA TYR B 278 18.24 8.94 -34.70
C TYR B 278 18.83 9.98 -33.76
N PHE B 279 18.53 11.24 -34.02
CA PHE B 279 19.03 12.36 -33.22
C PHE B 279 17.86 13.19 -32.70
N LYS B 280 17.81 13.41 -31.39
CA LYS B 280 16.67 14.08 -30.77
C LYS B 280 17.10 15.28 -29.92
N ASP B 281 16.49 16.44 -30.18
CA ASP B 281 16.64 17.61 -29.32
C ASP B 281 15.48 17.66 -28.34
N ILE B 282 15.79 17.94 -27.08
CA ILE B 282 14.83 17.91 -25.96
C ILE B 282 14.74 19.28 -25.26
N ARG B 283 13.53 19.81 -25.09
CA ARG B 283 13.30 21.01 -24.29
C ARG B 283 12.16 20.76 -23.34
N LYS B 284 12.34 21.03 -22.04
CA LYS B 284 11.24 20.96 -21.11
C LYS B 284 11.20 22.19 -20.18
N ALA B 285 10.01 22.55 -19.74
CA ALA B 285 9.87 23.61 -18.74
C ALA B 285 8.80 23.18 -17.75
N THR B 286 9.07 23.39 -16.47
CA THR B 286 8.17 22.96 -15.41
C THR B 286 7.98 24.07 -14.43
N VAL B 287 6.75 24.26 -13.96
CA VAL B 287 6.52 25.13 -12.82
CA VAL B 287 6.49 25.14 -12.83
C VAL B 287 5.68 24.37 -11.80
N GLY B 288 6.00 24.54 -10.53
CA GLY B 288 5.24 23.88 -9.49
C GLY B 288 5.21 24.64 -8.18
N TYR B 289 4.35 24.17 -7.29
CA TYR B 289 4.19 24.80 -6.01
C TYR B 289 3.90 23.71 -4.99
N GLU B 290 4.58 23.77 -3.86
CA GLU B 290 4.31 22.82 -2.79
C GLU B 290 4.12 23.57 -1.49
N GLN B 291 3.18 23.13 -0.66
CA GLN B 291 2.95 23.80 0.59
C GLN B 291 2.44 22.86 1.68
N SER B 292 2.95 23.05 2.89
CA SER B 292 2.40 22.39 4.06
C SER B 292 1.02 22.95 4.38
N ILE B 293 0.14 22.09 4.84
CA ILE B 293 -1.19 22.52 5.26
C ILE B 293 -1.48 21.97 6.65
N GLY B 294 -1.48 22.85 7.65
CA GLY B 294 -1.56 22.41 9.03
C GLY B 294 -0.28 21.68 9.37
N GLU B 295 -0.34 20.80 10.35
CA GLU B 295 0.86 20.19 10.90
C GLU B 295 1.35 18.95 10.15
N SER B 296 0.45 18.26 9.45
CA SER B 296 0.79 16.95 8.90
C SER B 296 0.74 16.84 7.37
N TRP B 297 -0.13 17.62 6.74
CA TRP B 297 -0.33 17.50 5.30
C TRP B 297 0.64 18.35 4.49
N VAL B 298 1.06 17.83 3.33
CA VAL B 298 1.81 18.61 2.39
C VAL B 298 1.26 18.33 0.99
N ALA B 299 0.91 19.40 0.28
CA ALA B 299 0.34 19.25 -1.06
C ALA B 299 1.19 19.92 -2.12
N LYS B 300 1.14 19.36 -3.33
CA LYS B 300 2.01 19.81 -4.42
C LYS B 300 1.26 19.71 -5.74
N ALA B 301 1.45 20.73 -6.59
CA ALA B 301 0.94 20.67 -7.96
C ALA B 301 1.99 21.19 -8.92
N GLU B 302 1.98 20.65 -10.13
CA GLU B 302 3.09 20.84 -11.05
C GLU B 302 2.59 20.73 -12.47
N TYR B 303 3.11 21.60 -13.34
CA TYR B 303 2.78 21.54 -14.76
C TYR B 303 4.09 21.45 -15.53
N GLU B 304 4.15 20.55 -16.49
CA GLU B 304 5.32 20.41 -17.36
C GLU B 304 4.94 20.50 -18.82
N TYR B 305 5.66 21.36 -19.53
CA TYR B 305 5.62 21.41 -20.98
C TYR B 305 6.88 20.75 -21.56
N ALA B 306 6.73 19.85 -22.53
CA ALA B 306 7.88 19.23 -23.16
C ALA B 306 7.74 19.25 -24.68
N ASN B 307 8.86 19.49 -25.36
CA ASN B 307 8.89 19.46 -26.81
C ASN B 307 10.17 18.77 -27.24
N GLU B 308 10.02 17.71 -28.03
CA GLU B 308 11.16 16.89 -28.46
C GLU B 308 11.05 16.67 -29.95
N VAL B 309 12.12 16.99 -30.67
CA VAL B 309 12.16 16.89 -32.14
C VAL B 309 13.25 15.94 -32.56
N GLU B 310 12.88 14.92 -33.34
CA GLU B 310 13.76 13.85 -33.73
C GLU B 310 13.96 13.83 -35.25
N LYS B 311 15.18 13.51 -35.71
CA LYS B 311 15.43 13.28 -37.13
C LYS B 311 16.28 12.03 -37.31
N LYS B 312 16.22 11.45 -38.50
CA LYS B 312 17.05 10.30 -38.88
C LYS B 312 18.22 10.73 -39.74
N SER B 313 19.25 9.90 -39.75
CA SER B 313 20.42 10.08 -40.61
C SER B 313 20.00 9.92 -42.08
N ARG B 314 19.07 9.01 -42.35
CA ARG B 314 18.49 8.91 -43.69
C ARG B 314 17.17 8.19 -43.65
N LEU B 315 16.31 8.51 -44.61
CA LEU B 315 14.97 7.94 -44.63
C LEU B 315 14.95 6.61 -45.38
N SER B 316 13.96 5.79 -45.04
CA SER B 316 13.79 4.48 -45.65
C SER B 316 13.04 4.55 -46.99
N GLY B 317 11.96 5.33 -47.04
CA GLY B 317 11.17 5.44 -48.25
C GLY B 317 9.67 5.57 -48.03
N TRP B 318 9.21 5.22 -46.84
CA TRP B 318 7.79 5.30 -46.51
C TRP B 318 7.47 6.64 -45.85
N GLU B 319 8.49 7.31 -45.32
CA GLU B 319 8.30 8.53 -44.54
C GLU B 319 7.83 9.71 -45.41
N ALA B 320 6.96 10.53 -44.86
CA ALA B 320 6.54 11.76 -45.53
C ALA B 320 7.59 12.86 -45.34
N ARG B 321 8.35 12.80 -44.24
CA ARG B 321 9.29 13.85 -43.89
C ARG B 321 10.35 13.29 -42.93
N ASN B 322 11.50 13.96 -42.84
CA ASN B 322 12.50 13.58 -41.85
C ASN B 322 12.35 14.44 -40.60
N LYS B 323 11.24 14.25 -39.92
CA LYS B 323 11.01 14.96 -38.66
C LYS B 323 9.94 14.24 -37.89
N SER B 324 10.18 14.05 -36.60
CA SER B 324 9.16 13.53 -35.70
C SER B 324 9.14 14.43 -34.47
N GLU B 325 7.98 15.02 -34.16
CA GLU B 325 7.91 16.01 -33.10
C GLU B 325 6.88 15.65 -32.03
N LEU B 326 7.36 15.58 -30.79
CA LEU B 326 6.48 15.32 -29.64
C LEU B 326 6.22 16.63 -28.92
N THR B 327 4.95 16.92 -28.65
CA THR B 327 4.59 18.02 -27.77
C THR B 327 3.73 17.46 -26.66
N GLN B 328 4.11 17.76 -25.42
CA GLN B 328 3.47 17.12 -24.29
C GLN B 328 3.16 18.12 -23.20
N HIS B 329 1.96 18.01 -22.63
CA HIS B 329 1.54 18.83 -21.50
C HIS B 329 1.20 17.90 -20.36
N THR B 330 1.80 18.10 -19.20
CA THR B 330 1.55 17.21 -18.07
C THR B 330 1.14 17.98 -16.83
N PHE B 331 0.09 17.50 -16.17
CA PHE B 331 -0.30 18.06 -14.88
C PHE B 331 -0.16 16.99 -13.82
N TYR B 332 0.37 17.38 -12.67
CA TYR B 332 0.58 16.44 -11.58
C TYR B 332 0.16 17.06 -10.25
N ALA B 333 -0.54 16.31 -9.43
CA ALA B 333 -0.91 16.80 -8.11
C ALA B 333 -0.77 15.68 -7.11
N GLN B 334 -0.26 16.01 -5.92
CA GLN B 334 -0.18 15.04 -4.84
C GLN B 334 -0.55 15.66 -3.48
N ALA B 335 -1.02 14.80 -2.58
CA ALA B 335 -1.29 15.21 -1.21
C ALA B 335 -0.75 14.12 -0.31
N LEU B 336 0.09 14.51 0.64
CA LEU B 336 0.82 13.56 1.47
C LEU B 336 0.54 13.84 2.93
N TYR B 337 0.32 12.77 3.70
CA TYR B 337 0.09 12.89 5.13
C TYR B 337 1.33 12.38 5.88
N ARG B 338 2.01 13.28 6.58
CA ARG B 338 3.24 12.93 7.27
C ARG B 338 2.97 12.35 8.66
N PHE B 339 3.78 11.40 9.05
CA PHE B 339 3.74 10.84 10.40
C PHE B 339 5.17 10.68 10.91
#